data_1UGT
# 
_entry.id   1UGT 
# 
_audit_conform.dict_name       mmcif_pdbx.dic 
_audit_conform.dict_version    5.383 
_audit_conform.dict_location   http://mmcif.pdb.org/dictionaries/ascii/mmcif_pdbx.dic 
# 
loop_
_database_2.database_id 
_database_2.database_code 
_database_2.pdbx_database_accession 
_database_2.pdbx_DOI 
PDB   1UGT         pdb_00001ugt 10.2210/pdb1ugt/pdb 
RCSB  RCSB005807   ?            ?                   
WWPDB D_1000005807 ?            ?                   
# 
loop_
_pdbx_audit_revision_history.ordinal 
_pdbx_audit_revision_history.data_content_type 
_pdbx_audit_revision_history.major_revision 
_pdbx_audit_revision_history.minor_revision 
_pdbx_audit_revision_history.revision_date 
1 'Structure model' 1 0 2004-04-27 
2 'Structure model' 1 1 2008-04-27 
3 'Structure model' 1 2 2011-07-13 
4 'Structure model' 1 3 2022-03-23 
5 'Structure model' 1 4 2023-12-27 
# 
_pdbx_audit_revision_details.ordinal             1 
_pdbx_audit_revision_details.revision_ordinal    1 
_pdbx_audit_revision_details.data_content_type   'Structure model' 
_pdbx_audit_revision_details.provider            repository 
_pdbx_audit_revision_details.type                'Initial release' 
_pdbx_audit_revision_details.description         ? 
_pdbx_audit_revision_details.details             ? 
# 
loop_
_pdbx_audit_revision_group.ordinal 
_pdbx_audit_revision_group.revision_ordinal 
_pdbx_audit_revision_group.data_content_type 
_pdbx_audit_revision_group.group 
1 2 'Structure model' 'Version format compliance' 
2 3 'Structure model' 'Version format compliance' 
3 4 'Structure model' 'Data collection'           
4 4 'Structure model' 'Database references'       
5 4 'Structure model' 'Derived calculations'      
6 5 'Structure model' 'Data collection'           
# 
loop_
_pdbx_audit_revision_category.ordinal 
_pdbx_audit_revision_category.revision_ordinal 
_pdbx_audit_revision_category.data_content_type 
_pdbx_audit_revision_category.category 
1 4 'Structure model' database_2            
2 4 'Structure model' pdbx_nmr_software     
3 4 'Structure model' pdbx_struct_assembly  
4 4 'Structure model' pdbx_struct_oper_list 
5 4 'Structure model' struct_conn           
6 4 'Structure model' struct_site           
7 5 'Structure model' chem_comp_atom        
8 5 'Structure model' chem_comp_bond        
# 
loop_
_pdbx_audit_revision_item.ordinal 
_pdbx_audit_revision_item.revision_ordinal 
_pdbx_audit_revision_item.data_content_type 
_pdbx_audit_revision_item.item 
1  4 'Structure model' '_database_2.pdbx_DOI'                
2  4 'Structure model' '_database_2.pdbx_database_accession' 
3  4 'Structure model' '_pdbx_nmr_software.name'             
4  4 'Structure model' '_struct_conn.ptnr1_auth_comp_id'     
5  4 'Structure model' '_struct_conn.ptnr1_auth_seq_id'      
6  4 'Structure model' '_struct_conn.ptnr1_label_asym_id'    
7  4 'Structure model' '_struct_conn.ptnr1_label_atom_id'    
8  4 'Structure model' '_struct_conn.ptnr1_label_comp_id'    
9  4 'Structure model' '_struct_conn.ptnr2_auth_comp_id'     
10 4 'Structure model' '_struct_conn.ptnr2_auth_seq_id'      
11 4 'Structure model' '_struct_conn.ptnr2_label_asym_id'    
12 4 'Structure model' '_struct_conn.ptnr2_label_atom_id'    
13 4 'Structure model' '_struct_conn.ptnr2_label_comp_id'    
14 4 'Structure model' '_struct_site.pdbx_auth_asym_id'      
15 4 'Structure model' '_struct_site.pdbx_auth_comp_id'      
16 4 'Structure model' '_struct_site.pdbx_auth_seq_id'       
# 
_pdbx_database_status.status_code                     REL 
_pdbx_database_status.entry_id                        1UGT 
_pdbx_database_status.recvd_initial_deposition_date   2003-06-18 
_pdbx_database_status.deposit_site                    PDBJ 
_pdbx_database_status.process_site                    PDBJ 
_pdbx_database_status.status_code_mr                  REL 
_pdbx_database_status.SG_entry                        . 
_pdbx_database_status.pdb_format_compatible           Y 
_pdbx_database_status.status_code_sf                  ? 
_pdbx_database_status.status_code_cs                  ? 
_pdbx_database_status.status_code_nmr_data            ? 
_pdbx_database_status.methods_development_category    ? 
# 
_audit_author.name           'Lehmann, T.E.' 
_audit_author.pdbx_ordinal   1 
# 
_citation.id                        primary 
_citation.title                     'Structural study of copper(I)-bleomycin.' 
_citation.journal_abbrev            J.Biol.Inorg.Chem. 
_citation.journal_volume            9 
_citation.page_first                323 
_citation.page_last                 334 
_citation.year                      2004 
_citation.journal_id_ASTM           JJBCFA 
_citation.country                   GW 
_citation.journal_id_ISSN           0949-8257 
_citation.journal_id_CSD            2154 
_citation.book_publisher            ? 
_citation.pdbx_database_id_PubMed   15015041 
_citation.pdbx_database_id_DOI      10.1007/s00775-004-0530-7 
# 
_citation_author.citation_id        primary 
_citation_author.name               'Lehmann, T.E.' 
_citation_author.ordinal            1 
_citation_author.identifier_ORCID   ? 
# 
loop_
_entity.id 
_entity.type 
_entity.src_method 
_entity.pdbx_description 
_entity.formula_weight 
_entity.pdbx_number_of_molecules 
_entity.pdbx_ec 
_entity.pdbx_mutation 
_entity.pdbx_fragment 
_entity.details 
1 non-polymer syn 'BLEOMYCIN A2'    1416.560 1 ? ? ? ? 
2 non-polymer syn 'COBALT (II) ION' 58.933   1 ? ? ? ? 
# 
loop_
_pdbx_entity_nonpoly.entity_id 
_pdbx_entity_nonpoly.name 
_pdbx_entity_nonpoly.comp_id 
1 'BLEOMYCIN A2'    BLM 
2 'COBALT (II) ION' CO  
# 
loop_
_chem_comp.id 
_chem_comp.type 
_chem_comp.mon_nstd_flag 
_chem_comp.name 
_chem_comp.pdbx_synonyms 
_chem_comp.formula 
_chem_comp.formula_weight 
BLM non-polymer . 'BLEOMYCIN A2'    'N1-[3-(DIMETHYLSULFONIO)-PROPYL]BLEOMYCINAMIDE' 'C55 H85 N17 O21 S3' 1416.560 
CO  non-polymer . 'COBALT (II) ION' ?                                                'Co 2'               58.933   
# 
loop_
_pdbx_nonpoly_scheme.asym_id 
_pdbx_nonpoly_scheme.entity_id 
_pdbx_nonpoly_scheme.mon_id 
_pdbx_nonpoly_scheme.ndb_seq_num 
_pdbx_nonpoly_scheme.pdb_seq_num 
_pdbx_nonpoly_scheme.auth_seq_num 
_pdbx_nonpoly_scheme.pdb_mon_id 
_pdbx_nonpoly_scheme.auth_mon_id 
_pdbx_nonpoly_scheme.pdb_strand_id 
_pdbx_nonpoly_scheme.pdb_ins_code 
A 1 BLM 1 1  1  BLM ALA A . 
B 2 CO  1 10 10 CO  CO  A . 
# 
loop_
_pdbx_unobs_or_zero_occ_atoms.id 
_pdbx_unobs_or_zero_occ_atoms.PDB_model_num 
_pdbx_unobs_or_zero_occ_atoms.polymer_flag 
_pdbx_unobs_or_zero_occ_atoms.occupancy_flag 
_pdbx_unobs_or_zero_occ_atoms.auth_asym_id 
_pdbx_unobs_or_zero_occ_atoms.auth_comp_id 
_pdbx_unobs_or_zero_occ_atoms.auth_seq_id 
_pdbx_unobs_or_zero_occ_atoms.PDB_ins_code 
_pdbx_unobs_or_zero_occ_atoms.auth_atom_id 
_pdbx_unobs_or_zero_occ_atoms.label_alt_id 
_pdbx_unobs_or_zero_occ_atoms.label_asym_id 
_pdbx_unobs_or_zero_occ_atoms.label_comp_id 
_pdbx_unobs_or_zero_occ_atoms.label_seq_id 
_pdbx_unobs_or_zero_occ_atoms.label_atom_id 
1  1 N 1 A BLM 1 ? C42 ? A BLM 1 C42 
2  1 N 1 A BLM 1 ? C49 ? A BLM 1 C49 
3  1 N 1 A BLM 1 ? O49 ? A BLM 1 O49 
4  1 N 1 A BLM 1 ? C43 ? A BLM 1 C43 
5  1 N 1 A BLM 1 ? C41 ? A BLM 1 C41 
6  1 N 1 A BLM 1 ? S43 ? A BLM 1 S43 
7  1 N 1 A BLM 1 ? C44 ? A BLM 1 C44 
8  1 N 1 A BLM 1 ? C45 ? A BLM 1 C45 
9  1 N 1 A BLM 1 ? NN  ? A BLM 1 NN  
10 1 N 1 A BLM 1 ? C47 ? A BLM 1 C47 
11 1 N 1 A BLM 1 ? C48 ? A BLM 1 C48 
12 1 N 1 A BLM 1 ? NO  ? A BLM 1 NO  
13 1 N 1 A BLM 1 ? C46 ? A BLM 1 C46 
14 1 N 1 A BLM 1 ? S46 ? A BLM 1 S46 
15 1 N 1 A BLM 1 ? NP  ? A BLM 1 NP  
16 1 N 1 A BLM 1 ? C50 ? A BLM 1 C50 
17 1 N 1 A BLM 1 ? C51 ? A BLM 1 C51 
18 1 N 1 A BLM 1 ? C52 ? A BLM 1 C52 
19 1 N 1 A BLM 1 ? S53 ? A BLM 1 S53 
20 1 N 1 A BLM 1 ? C55 ? A BLM 1 C55 
21 1 N 1 A BLM 1 ? C54 ? A BLM 1 C54 
# 
_exptl.entry_id          1UGT 
_exptl.method            'SOLUTION NMR' 
_exptl.crystals_number   ? 
# 
_exptl_crystal.id                    1 
_exptl_crystal.density_meas          ? 
_exptl_crystal.density_Matthews      ? 
_exptl_crystal.density_percent_sol   ? 
_exptl_crystal.description           ? 
# 
_diffrn.id                     1 
_diffrn.ambient_temp           ? 
_diffrn.ambient_temp_details   ? 
_diffrn.crystal_id             1 
# 
_diffrn_radiation.diffrn_id                        1 
_diffrn_radiation.wavelength_id                    1 
_diffrn_radiation.pdbx_monochromatic_or_laue_m_l   M 
_diffrn_radiation.monochromator                    ? 
_diffrn_radiation.pdbx_diffrn_protocol             'SINGLE WAVELENGTH' 
_diffrn_radiation.pdbx_scattering_type             ? 
# 
_diffrn_radiation_wavelength.id           1 
_diffrn_radiation_wavelength.wavelength   . 
_diffrn_radiation_wavelength.wt           1.0 
# 
_struct.entry_id                  1UGT 
_struct.title                     'Structural Studies of Cu(I)-Bleomycin' 
_struct.pdbx_model_details        ? 
_struct.pdbx_CASP_flag            ? 
_struct.pdbx_model_type_details   'minimized average' 
# 
_struct_keywords.entry_id        1UGT 
_struct_keywords.pdbx_keywords   ANTIBIOTIC 
_struct_keywords.text            'metal complex, ANTIBIOTIC' 
# 
loop_
_struct_asym.id 
_struct_asym.pdbx_blank_PDB_chainid_flag 
_struct_asym.pdbx_modified 
_struct_asym.entity_id 
_struct_asym.details 
A N N 1 ? 
B N N 2 ? 
# 
_pdbx_struct_assembly.id                   1 
_pdbx_struct_assembly.details              author_defined_assembly 
_pdbx_struct_assembly.method_details       ? 
_pdbx_struct_assembly.oligomeric_details   monomeric 
_pdbx_struct_assembly.oligomeric_count     1 
# 
_pdbx_struct_assembly_gen.assembly_id       1 
_pdbx_struct_assembly_gen.oper_expression   1 
_pdbx_struct_assembly_gen.asym_id_list      A,B 
# 
_pdbx_struct_oper_list.id                   1 
_pdbx_struct_oper_list.type                 'identity operation' 
_pdbx_struct_oper_list.name                 1_555 
_pdbx_struct_oper_list.symmetry_operation   ? 
_pdbx_struct_oper_list.matrix[1][1]         1.0000000000 
_pdbx_struct_oper_list.matrix[1][2]         0.0000000000 
_pdbx_struct_oper_list.matrix[1][3]         0.0000000000 
_pdbx_struct_oper_list.vector[1]            0.0000000000 
_pdbx_struct_oper_list.matrix[2][1]         0.0000000000 
_pdbx_struct_oper_list.matrix[2][2]         1.0000000000 
_pdbx_struct_oper_list.matrix[2][3]         0.0000000000 
_pdbx_struct_oper_list.vector[2]            0.0000000000 
_pdbx_struct_oper_list.matrix[3][1]         0.0000000000 
_pdbx_struct_oper_list.matrix[3][2]         0.0000000000 
_pdbx_struct_oper_list.matrix[3][3]         1.0000000000 
_pdbx_struct_oper_list.vector[3]            0.0000000000 
# 
_struct_biol.id   1 
# 
loop_
_struct_conn.id 
_struct_conn.conn_type_id 
_struct_conn.pdbx_leaving_atom_flag 
_struct_conn.pdbx_PDB_id 
_struct_conn.ptnr1_label_asym_id 
_struct_conn.ptnr1_label_comp_id 
_struct_conn.ptnr1_label_seq_id 
_struct_conn.ptnr1_label_atom_id 
_struct_conn.pdbx_ptnr1_label_alt_id 
_struct_conn.pdbx_ptnr1_PDB_ins_code 
_struct_conn.pdbx_ptnr1_standard_comp_id 
_struct_conn.ptnr1_symmetry 
_struct_conn.ptnr2_label_asym_id 
_struct_conn.ptnr2_label_comp_id 
_struct_conn.ptnr2_label_seq_id 
_struct_conn.ptnr2_label_atom_id 
_struct_conn.pdbx_ptnr2_label_alt_id 
_struct_conn.pdbx_ptnr2_PDB_ins_code 
_struct_conn.ptnr1_auth_asym_id 
_struct_conn.ptnr1_auth_comp_id 
_struct_conn.ptnr1_auth_seq_id 
_struct_conn.ptnr2_auth_asym_id 
_struct_conn.ptnr2_auth_comp_id 
_struct_conn.ptnr2_auth_seq_id 
_struct_conn.ptnr2_symmetry 
_struct_conn.pdbx_ptnr3_label_atom_id 
_struct_conn.pdbx_ptnr3_label_seq_id 
_struct_conn.pdbx_ptnr3_label_comp_id 
_struct_conn.pdbx_ptnr3_label_asym_id 
_struct_conn.pdbx_ptnr3_label_alt_id 
_struct_conn.pdbx_ptnr3_PDB_ins_code 
_struct_conn.details 
_struct_conn.pdbx_dist_value 
_struct_conn.pdbx_value_order 
_struct_conn.pdbx_role 
metalc1 metalc ? ? A BLM . NC ? ? ? 1_555 B CO . CO ? ? A BLM 1 A CO 10 1_555 ? ? ? ? ? ? ? 2.012 ? ? 
metalc2 metalc ? ? A BLM . NB ? ? ? 1_555 B CO . CO ? ? A BLM 1 A CO 10 1_555 ? ? ? ? ? ? ? 2.018 ? ? 
metalc3 metalc ? ? A BLM . NG ? ? ? 1_555 B CO . CO ? ? A BLM 1 A CO 10 1_555 ? ? ? ? ? ? ? 2.026 ? ? 
metalc4 metalc ? ? A BLM . NJ ? ? ? 1_555 B CO . CO ? ? A BLM 1 A CO 10 1_555 ? ? ? ? ? ? ? 2.030 ? ? 
# 
_struct_conn_type.id          metalc 
_struct_conn_type.criteria    ? 
_struct_conn_type.reference   ? 
# 
loop_
_pdbx_struct_conn_angle.id 
_pdbx_struct_conn_angle.ptnr1_label_atom_id 
_pdbx_struct_conn_angle.ptnr1_label_alt_id 
_pdbx_struct_conn_angle.ptnr1_label_asym_id 
_pdbx_struct_conn_angle.ptnr1_label_comp_id 
_pdbx_struct_conn_angle.ptnr1_label_seq_id 
_pdbx_struct_conn_angle.ptnr1_auth_atom_id 
_pdbx_struct_conn_angle.ptnr1_auth_asym_id 
_pdbx_struct_conn_angle.ptnr1_auth_comp_id 
_pdbx_struct_conn_angle.ptnr1_auth_seq_id 
_pdbx_struct_conn_angle.ptnr1_PDB_ins_code 
_pdbx_struct_conn_angle.ptnr1_symmetry 
_pdbx_struct_conn_angle.ptnr2_label_atom_id 
_pdbx_struct_conn_angle.ptnr2_label_alt_id 
_pdbx_struct_conn_angle.ptnr2_label_asym_id 
_pdbx_struct_conn_angle.ptnr2_label_comp_id 
_pdbx_struct_conn_angle.ptnr2_label_seq_id 
_pdbx_struct_conn_angle.ptnr2_auth_atom_id 
_pdbx_struct_conn_angle.ptnr2_auth_asym_id 
_pdbx_struct_conn_angle.ptnr2_auth_comp_id 
_pdbx_struct_conn_angle.ptnr2_auth_seq_id 
_pdbx_struct_conn_angle.ptnr2_PDB_ins_code 
_pdbx_struct_conn_angle.ptnr2_symmetry 
_pdbx_struct_conn_angle.ptnr3_label_atom_id 
_pdbx_struct_conn_angle.ptnr3_label_alt_id 
_pdbx_struct_conn_angle.ptnr3_label_asym_id 
_pdbx_struct_conn_angle.ptnr3_label_comp_id 
_pdbx_struct_conn_angle.ptnr3_label_seq_id 
_pdbx_struct_conn_angle.ptnr3_auth_atom_id 
_pdbx_struct_conn_angle.ptnr3_auth_asym_id 
_pdbx_struct_conn_angle.ptnr3_auth_comp_id 
_pdbx_struct_conn_angle.ptnr3_auth_seq_id 
_pdbx_struct_conn_angle.ptnr3_PDB_ins_code 
_pdbx_struct_conn_angle.ptnr3_symmetry 
_pdbx_struct_conn_angle.value 
_pdbx_struct_conn_angle.value_esd 
1 NC ? A BLM . ? A BLM 1 ? 1_555 CO ? B CO . ? A CO 10 ? 1_555 NB ? A BLM . ? A BLM 1 ? 1_555 77.7  ? 
2 NC ? A BLM . ? A BLM 1 ? 1_555 CO ? B CO . ? A CO 10 ? 1_555 NG ? A BLM . ? A BLM 1 ? 1_555 82.3  ? 
3 NB ? A BLM . ? A BLM 1 ? 1_555 CO ? B CO . ? A CO 10 ? 1_555 NG ? A BLM . ? A BLM 1 ? 1_555 121.3 ? 
4 NC ? A BLM . ? A BLM 1 ? 1_555 CO ? B CO . ? A CO 10 ? 1_555 NJ ? A BLM . ? A BLM 1 ? 1_555 113.8 ? 
5 NB ? A BLM . ? A BLM 1 ? 1_555 CO ? B CO . ? A CO 10 ? 1_555 NJ ? A BLM . ? A BLM 1 ? 1_555 114.4 ? 
6 NG ? A BLM . ? A BLM 1 ? 1_555 CO ? B CO . ? A CO 10 ? 1_555 NJ ? A BLM . ? A BLM 1 ? 1_555 124.2 ? 
# 
loop_
_struct_site.id 
_struct_site.pdbx_evidence_code 
_struct_site.pdbx_auth_asym_id 
_struct_site.pdbx_auth_comp_id 
_struct_site.pdbx_auth_seq_id 
_struct_site.pdbx_auth_ins_code 
_struct_site.pdbx_num_residues 
_struct_site.details 
AC1 Software A BLM 1  ? 1 'BINDING SITE FOR RESIDUE BLM A 1' 
AC2 Software A CO  10 ? 1 'BINDING SITE FOR RESIDUE CO A 10' 
# 
loop_
_struct_site_gen.id 
_struct_site_gen.site_id 
_struct_site_gen.pdbx_num_res 
_struct_site_gen.label_comp_id 
_struct_site_gen.label_asym_id 
_struct_site_gen.label_seq_id 
_struct_site_gen.pdbx_auth_ins_code 
_struct_site_gen.auth_comp_id 
_struct_site_gen.auth_asym_id 
_struct_site_gen.auth_seq_id 
_struct_site_gen.label_atom_id 
_struct_site_gen.label_alt_id 
_struct_site_gen.symmetry 
_struct_site_gen.details 
1 AC1 1 CO  B . ? CO  A 10 . ? 1_555 ? 
2 AC2 1 BLM A . ? BLM A 1  . ? 1_555 ? 
# 
_pdbx_nmr_ensemble.entry_id                                      1UGT 
_pdbx_nmr_ensemble.conformers_calculated_total_number            10 
_pdbx_nmr_ensemble.conformers_submitted_total_number             1 
_pdbx_nmr_ensemble.conformer_selection_criteria                  'structures with the lowest energy' 
_pdbx_nmr_ensemble.average_constraints_per_residue               ? 
_pdbx_nmr_ensemble.average_constraint_violations_per_residue     ? 
_pdbx_nmr_ensemble.maximum_distance_constraint_violation         ? 
_pdbx_nmr_ensemble.average_distance_constraint_violation         ? 
_pdbx_nmr_ensemble.maximum_upper_distance_constraint_violation   ? 
_pdbx_nmr_ensemble.maximum_lower_distance_constraint_violation   ? 
_pdbx_nmr_ensemble.distance_constraint_violation_method          ? 
_pdbx_nmr_ensemble.maximum_torsion_angle_constraint_violation    ? 
_pdbx_nmr_ensemble.average_torsion_angle_constraint_violation    ? 
_pdbx_nmr_ensemble.torsion_angle_constraint_violation_method     ? 
# 
_pdbx_nmr_representative.entry_id             1UGT 
_pdbx_nmr_representative.conformer_id         1 
_pdbx_nmr_representative.selection_criteria   'minimized average structure' 
# 
loop_
_pdbx_nmr_sample_details.solution_id 
_pdbx_nmr_sample_details.contents 
_pdbx_nmr_sample_details.solvent_system 
1 '5mM Cu(I)BLM 1H, 90% H2O, 10% D2O' '90% H2O/10% D2O' 
2 '5mM Cu(I)BLM, 100% D2O'            '100% D2O'        
# 
_pdbx_nmr_exptl_sample_conditions.conditions_id       1 
_pdbx_nmr_exptl_sample_conditions.temperature         278 
_pdbx_nmr_exptl_sample_conditions.pressure            ambient 
_pdbx_nmr_exptl_sample_conditions.pH                  8.1 
_pdbx_nmr_exptl_sample_conditions.ionic_strength      5mM 
_pdbx_nmr_exptl_sample_conditions.pressure_units      ? 
_pdbx_nmr_exptl_sample_conditions.temperature_units   K 
# 
loop_
_pdbx_nmr_exptl.experiment_id 
_pdbx_nmr_exptl.solution_id 
_pdbx_nmr_exptl.conditions_id 
_pdbx_nmr_exptl.type 
1 1 1 '2D NOESY' 
2 2 1 '2D NOESY' 
# 
_pdbx_nmr_details.entry_id   1UGT 
_pdbx_nmr_details.text       'This structure was determined using standard 2D homonucear techniques.' 
# 
_pdbx_nmr_refine.entry_id           1UGT 
_pdbx_nmr_refine.method             'molecular dynamics' 
_pdbx_nmr_refine.details            'The structure is based on a total of 40 non-trivial NOE-derived distance constraints' 
_pdbx_nmr_refine.software_ordinal   1 
# 
loop_
_pdbx_nmr_software.name 
_pdbx_nmr_software.version 
_pdbx_nmr_software.classification 
_pdbx_nmr_software.authors 
_pdbx_nmr_software.ordinal 
XwinNMR  2.5  collection           bruker                                                                          1 
NMRPipe  2002 processing           'Delaglio, F., Grzesiek, S., Bax, A., Vuister, G. W., Zhu, G., and Pfeifer, J.' 2 
Discover 2003 'structure solution' Accelrys                                                                        3 
Discover 2003 refinement           Accelrys                                                                        4 
# 
loop_
_chem_comp_atom.comp_id 
_chem_comp_atom.atom_id 
_chem_comp_atom.type_symbol 
_chem_comp_atom.pdbx_aromatic_flag 
_chem_comp_atom.pdbx_stereo_config 
_chem_comp_atom.pdbx_ordinal 
BLM NA   N  N N 1   
BLM C2   C  N S 2   
BLM C1   C  N N 3   
BLM O1   O  N N 4   
BLM NC   N  N N 5   
BLM C3   C  N N 6   
BLM NB   N  N N 7   
BLM ND   N  N N 8   
BLM C5   C  N N 9   
BLM C4   C  N N 10  
BLM O4   O  N N 11  
BLM C8   C  Y N 12  
BLM C9   C  Y N 13  
BLM C10  C  Y N 14  
BLM NG   N  Y N 15  
BLM C7   C  Y N 16  
BLM NE   N  Y N 17  
BLM C6   C  N S 18  
BLM NF   N  N N 19  
BLM CA   C  N N 20  
BLM C12  C  N N 21  
BLM O12  O  N N 22  
BLM NH   N  N N 23  
BLM C13  C  N S 24  
BLM C30  C  N N 25  
BLM O30  O  N N 26  
BLM C14  C  N R 27  
BLM C27  C  Y N 28  
BLM OH1  O  N N 29  
BLM NJ   N  Y N 30  
BLM C28  C  Y N 31  
BLM C29  C  Y N 32  
BLM NI   N  Y N 33  
BLM NK   N  N N 34  
BLM C34  C  N S 35  
BLM C36  C  N N 36  
BLM O36  O  N N 37  
BLM OH2  O  N N 38  
BLM C31  C  N R 39  
BLM CB   C  N N 40  
BLM C33  C  N S 41  
BLM CC   C  N N 42  
BLM NL   N  N N 43  
BLM C37  C  N S 44  
BLM C40  C  N N 45  
BLM O40  O  N N 46  
BLM C38  C  N R 47  
BLM OH3  O  N N 48  
BLM CD   C  N N 49  
BLM NM   N  N N 50  
BLM C42  C  N N 51  
BLM C49  C  N N 52  
BLM O49  O  N N 53  
BLM C43  C  Y N 54  
BLM C41  C  N N 55  
BLM S43  S  Y N 56  
BLM C44  C  Y N 57  
BLM C45  C  Y N 58  
BLM NN   N  Y N 59  
BLM C47  C  Y N 60  
BLM C48  C  Y N 61  
BLM NO   N  Y N 62  
BLM C46  C  Y N 63  
BLM S46  S  Y N 64  
BLM NP   N  N N 65  
BLM C50  C  N N 66  
BLM C51  C  N N 67  
BLM C52  C  N N 68  
BLM S53  S  N N 69  
BLM C55  C  N N 70  
BLM C54  C  N N 71  
BLM O59  O  N N 72  
BLM O58  O  N N 73  
BLM C61  C  N N 74  
BLM O61  O  N N 75  
BLM O56  O  N N 76  
BLM C60  C  N S 77  
BLM O62  O  N N 78  
BLM C63  C  N R 79  
BLM C57  C  N S 80  
BLM C58  C  N S 81  
BLM C59  C  N S 82  
BLM C69  C  N S 83  
BLM C68  C  N S 84  
BLM C67  C  N R 85  
BLM C65  C  N R 86  
BLM O64  O  N N 87  
BLM C64  C  N R 88  
BLM O68  O  N N 89  
BLM O67  O  N N 90  
BLM O69  O  N N 91  
BLM NQ   N  N N 92  
BLM C70  C  N N 93  
BLM O70  O  N N 94  
BLM O66  O  N N 95  
BLM C66  C  N N 96  
BLM HA2  H  N N 97  
BLM HA1  H  N N 98  
BLM H2   H  N N 99  
BLM HNC  H  N N 100 
BLM H3E  H  N N 101 
BLM H3X  H  N N 102 
BLM HB1  H  N N 103 
BLM HB2  H  N N 104 
BLM HD2  H  N N 105 
BLM HD1  H  N N 106 
BLM H5E  H  N N 107 
BLM H5X  H  N N 108 
BLM H6   H  N N 109 
BLM HF2  H  N N 110 
BLM HF1  H  N N 111 
BLM HAA  H  N N 112 
BLM HAB  H  N N 113 
BLM HAC  H  N N 114 
BLM HNH  H  N N 115 
BLM H13  H  N N 116 
BLM H14  H  N N 117 
BLM H28  H  N N 118 
BLM H29  H  N N 119 
BLM HNI  H  N N 120 
BLM HNK  H  N N 121 
BLM H34  H  N N 122 
BLM HO2  H  N N 123 
BLM H31  H  N N 124 
BLM HBA  H  N N 125 
BLM HBB  H  N N 126 
BLM HBC  H  N N 127 
BLM H33  H  N N 128 
BLM HCB  H  N N 129 
BLM HCC  H  N N 130 
BLM HCA  H  N N 131 
BLM HNL  H  N N 132 
BLM H37  H  N N 133 
BLM H38  H  N N 134 
BLM HO3  H  N N 135 
BLM HDB  H  N N 136 
BLM HDC  H  N N 137 
BLM HDA  H  N N 138 
BLM HNM  H  N N 139 
BLM H2E  H  N N 140 
BLM H2X  H  N N 141 
BLM H1E  H  N N 142 
BLM H1X  H  N N 143 
BLM H44  H  N N 144 
BLM H47  H  N N 145 
BLM HNP  H  N N 146 
BLM H501 H  N N 147 
BLM H502 H  N N 148 
BLM H511 H  N N 149 
BLM H512 H  N N 150 
BLM H521 H  N N 151 
BLM H522 H  N N 152 
BLM H53  H  N N 153 
BLM H551 H  N N 154 
BLM H552 H  N N 155 
BLM H553 H  N N 156 
BLM H541 H  N N 157 
BLM H542 H  N N 158 
BLM H543 H  N N 159 
BLM HO59 H  N N 160 
BLM HO58 H  N N 161 
BLM H611 H  N N 162 
BLM H612 H  N N 163 
BLM HO61 H  N N 164 
BLM H60  H  N N 165 
BLM H63  H  N N 166 
BLM H57  H  N N 167 
BLM H58  H  N N 168 
BLM H59  H  N N 169 
BLM H69  H  N N 170 
BLM H68  H  N N 171 
BLM H67  H  N N 172 
BLM H65  H  N N 173 
BLM H64  H  N N 174 
BLM HO67 H  N N 175 
BLM HO69 H  N N 176 
BLM HNQ1 H  N N 177 
BLM HNQ2 H  N N 178 
BLM HO66 H  N N 179 
BLM H661 H  N N 180 
BLM H662 H  N N 181 
CO  CO   CO N N 182 
# 
loop_
_chem_comp_bond.comp_id 
_chem_comp_bond.atom_id_1 
_chem_comp_bond.atom_id_2 
_chem_comp_bond.value_order 
_chem_comp_bond.pdbx_aromatic_flag 
_chem_comp_bond.pdbx_stereo_config 
_chem_comp_bond.pdbx_ordinal 
BLM NA  C1   sing N N 1   
BLM NA  HA2  sing N N 2   
BLM NA  HA1  sing N N 3   
BLM C2  C1   sing N N 4   
BLM C2  C3   sing N N 5   
BLM C2  NB   sing N N 6   
BLM C2  H2   sing N N 7   
BLM C1  O1   doub N N 8   
BLM NC  C3   sing N N 9   
BLM NC  C6   sing N N 10  
BLM NC  HNC  sing N N 11  
BLM C3  H3E  sing N N 12  
BLM C3  H3X  sing N N 13  
BLM NB  HB1  sing N N 14  
BLM NB  HB2  sing N N 15  
BLM ND  C4   sing N N 16  
BLM ND  HD2  sing N N 17  
BLM ND  HD1  sing N N 18  
BLM C5  C4   sing N N 19  
BLM C5  C6   sing N N 20  
BLM C5  H5E  sing N N 21  
BLM C5  H5X  sing N N 22  
BLM C4  O4   doub N N 23  
BLM C8  C9   doub Y N 24  
BLM C8  NE   sing Y N 25  
BLM C8  NF   sing N N 26  
BLM C9  C10  sing Y N 27  
BLM C9  CA   sing N N 28  
BLM C10 NG   doub Y N 29  
BLM C10 C12  sing N N 30  
BLM NG  C7   sing Y N 31  
BLM C7  NE   doub Y N 32  
BLM C7  C6   sing N N 33  
BLM C6  H6   sing N N 34  
BLM NF  HF2  sing N N 35  
BLM NF  HF1  sing N N 36  
BLM CA  HAA  sing N N 37  
BLM CA  HAB  sing N N 38  
BLM CA  HAC  sing N N 39  
BLM C12 O12  doub N N 40  
BLM C12 NH   sing N N 41  
BLM NH  C13  sing N N 42  
BLM NH  HNH  sing N N 43  
BLM C13 C30  sing N N 44  
BLM C13 C14  sing N N 45  
BLM C13 H13  sing N N 46  
BLM C30 O30  doub N N 47  
BLM C30 NK   sing N N 48  
BLM C14 C27  sing N N 49  
BLM C14 OH1  sing N N 50  
BLM C14 H14  sing N N 51  
BLM C27 NJ   sing Y N 52  
BLM C27 C28  doub Y N 53  
BLM OH1 C63  sing N N 54  
BLM NJ  C29  doub Y N 55  
BLM C28 NI   sing Y N 56  
BLM C28 H28  sing N N 57  
BLM C29 NI   sing Y N 58  
BLM C29 H29  sing N N 59  
BLM NI  HNI  sing N N 60  
BLM NK  C31  sing N N 61  
BLM NK  HNK  sing N N 62  
BLM C34 C36  sing N N 63  
BLM C34 C33  sing N N 64  
BLM C34 CC   sing N N 65  
BLM C34 H34  sing N N 66  
BLM C36 O36  doub N N 67  
BLM C36 NL   sing N N 68  
BLM OH2 C33  sing N N 69  
BLM OH2 HO2  sing N N 70  
BLM C31 CB   sing N N 71  
BLM C31 C33  sing N N 72  
BLM C31 H31  sing N N 73  
BLM CB  HBA  sing N N 74  
BLM CB  HBB  sing N N 75  
BLM CB  HBC  sing N N 76  
BLM C33 H33  sing N N 77  
BLM CC  HCB  sing N N 78  
BLM CC  HCC  sing N N 79  
BLM CC  HCA  sing N N 80  
BLM NL  C37  sing N N 81  
BLM NL  HNL  sing N N 82  
BLM C37 C40  sing N N 83  
BLM C37 C38  sing N N 84  
BLM C37 H37  sing N N 85  
BLM C40 O40  doub N N 86  
BLM C40 NM   sing N N 87  
BLM C38 OH3  sing N N 88  
BLM C38 CD   sing N N 89  
BLM C38 H38  sing N N 90  
BLM OH3 HO3  sing N N 91  
BLM CD  HDB  sing N N 92  
BLM CD  HDC  sing N N 93  
BLM CD  HDA  sing N N 94  
BLM NM  C41  sing N N 95  
BLM NM  HNM  sing N N 96  
BLM C42 C43  sing N N 97  
BLM C42 C41  sing N N 98  
BLM C42 H2E  sing N N 99  
BLM C42 H2X  sing N N 100 
BLM C49 O49  doub N N 101 
BLM C49 C48  sing N N 102 
BLM C49 NP   sing N N 103 
BLM C43 S43  sing Y N 104 
BLM C43 NN   doub Y N 105 
BLM C41 H1E  sing N N 106 
BLM C41 H1X  sing N N 107 
BLM S43 C44  sing Y N 108 
BLM C44 C45  doub Y N 109 
BLM C44 H44  sing N N 110 
BLM C45 NN   sing Y N 111 
BLM C45 C46  sing Y N 112 
BLM C47 C48  doub Y N 113 
BLM C47 S46  sing Y N 114 
BLM C47 H47  sing N N 115 
BLM C48 NO   sing Y N 116 
BLM NO  C46  doub Y N 117 
BLM C46 S46  sing Y N 118 
BLM NP  C50  sing N N 119 
BLM NP  HNP  sing N N 120 
BLM C50 C51  sing N N 121 
BLM C50 H501 sing N N 122 
BLM C50 H502 sing N N 123 
BLM C51 C52  sing N N 124 
BLM C51 H511 sing N N 125 
BLM C51 H512 sing N N 126 
BLM C52 S53  sing N N 127 
BLM C52 H521 sing N N 128 
BLM C52 H522 sing N N 129 
BLM S53 C55  sing N N 130 
BLM S53 C54  sing N N 131 
BLM S53 H53  sing N N 132 
BLM C55 H551 sing N N 133 
BLM C55 H552 sing N N 134 
BLM C55 H553 sing N N 135 
BLM C54 H541 sing N N 136 
BLM C54 H542 sing N N 137 
BLM C54 H543 sing N N 138 
BLM O59 C59  sing N N 139 
BLM O59 HO59 sing N N 140 
BLM O58 C58  sing N N 141 
BLM O58 HO58 sing N N 142 
BLM C61 O61  sing N N 143 
BLM C61 C60  sing N N 144 
BLM C61 H611 sing N N 145 
BLM C61 H612 sing N N 146 
BLM O61 HO61 sing N N 147 
BLM O56 C57  sing N N 148 
BLM O56 C64  sing N N 149 
BLM C60 O62  sing N N 150 
BLM C60 C59  sing N N 151 
BLM C60 H60  sing N N 152 
BLM O62 C63  sing N N 153 
BLM C63 C57  sing N N 154 
BLM C63 H63  sing N N 155 
BLM C57 C58  sing N N 156 
BLM C57 H57  sing N N 157 
BLM C58 C59  sing N N 158 
BLM C58 H58  sing N N 159 
BLM C59 H59  sing N N 160 
BLM C69 C68  sing N N 161 
BLM C69 C64  sing N N 162 
BLM C69 O69  sing N N 163 
BLM C69 H69  sing N N 164 
BLM C68 C67  sing N N 165 
BLM C68 O68  sing N N 166 
BLM C68 H68  sing N N 167 
BLM C67 C65  sing N N 168 
BLM C67 O67  sing N N 169 
BLM C67 H67  sing N N 170 
BLM C65 O64  sing N N 171 
BLM C65 C66  sing N N 172 
BLM C65 H65  sing N N 173 
BLM O64 C64  sing N N 174 
BLM C64 H64  sing N N 175 
BLM O68 C70  sing N N 176 
BLM O67 HO67 sing N N 177 
BLM O69 HO69 sing N N 178 
BLM NQ  C70  sing N N 179 
BLM NQ  HNQ1 sing N N 180 
BLM NQ  HNQ2 sing N N 181 
BLM C70 O70  doub N N 182 
BLM O66 C66  sing N N 183 
BLM O66 HO66 sing N N 184 
BLM C66 H661 sing N N 185 
BLM C66 H662 sing N N 186 
# 
_pdbx_nmr_spectrometer.spectrometer_id   1 
_pdbx_nmr_spectrometer.type              ? 
_pdbx_nmr_spectrometer.manufacturer      Bruker 
_pdbx_nmr_spectrometer.model             DRX 
_pdbx_nmr_spectrometer.field_strength    500 
# 
_atom_sites.entry_id                    1UGT 
_atom_sites.fract_transf_matrix[1][1]   1.000000 
_atom_sites.fract_transf_matrix[1][2]   0.000000 
_atom_sites.fract_transf_matrix[1][3]   0.000000 
_atom_sites.fract_transf_matrix[2][1]   0.000000 
_atom_sites.fract_transf_matrix[2][2]   1.000000 
_atom_sites.fract_transf_matrix[2][3]   0.000000 
_atom_sites.fract_transf_matrix[3][1]   0.000000 
_atom_sites.fract_transf_matrix[3][2]   0.000000 
_atom_sites.fract_transf_matrix[3][3]   1.000000 
_atom_sites.fract_transf_vector[1]      0.00000 
_atom_sites.fract_transf_vector[2]      0.00000 
_atom_sites.fract_transf_vector[3]      0.00000 
# 
loop_
_atom_type.symbol 
C  
CO 
H  
N  
O  
# 
loop_
_atom_site.group_PDB 
_atom_site.id 
_atom_site.type_symbol 
_atom_site.label_atom_id 
_atom_site.label_alt_id 
_atom_site.label_comp_id 
_atom_site.label_asym_id 
_atom_site.label_entity_id 
_atom_site.label_seq_id 
_atom_site.pdbx_PDB_ins_code 
_atom_site.Cartn_x 
_atom_site.Cartn_y 
_atom_site.Cartn_z 
_atom_site.occupancy 
_atom_site.B_iso_or_equiv 
_atom_site.pdbx_formal_charge 
_atom_site.auth_seq_id 
_atom_site.auth_comp_id 
_atom_site.auth_asym_id 
_atom_site.auth_atom_id 
_atom_site.pdbx_PDB_model_num 
HETATM 1   N  NA   . BLM A 1 . ? 5.254  -1.556 4.241  1.00 0.00 ? 1  BLM A NA   1 
HETATM 2   C  C2   . BLM A 1 . ? 6.153  0.007  2.649  1.00 0.00 ? 1  BLM A C2   1 
HETATM 3   C  C1   . BLM A 1 . ? 5.367  -1.250 2.956  1.00 0.00 ? 1  BLM A C1   1 
HETATM 4   O  O1   . BLM A 1 . ? 4.846  -1.916 2.074  1.00 0.00 ? 1  BLM A O1   1 
HETATM 5   N  NC   . BLM A 1 . ? 5.355  2.350  2.199  1.00 0.00 ? 1  BLM A NC   1 
HETATM 6   C  C3   . BLM A 1 . ? 5.420  1.236  3.184  1.00 0.00 ? 1  BLM A C3   1 
HETATM 7   N  NB   . BLM A 1 . ? 6.451  0.293  1.220  1.00 0.00 ? 1  BLM A NB   1 
HETATM 8   N  ND   . BLM A 1 . ? 4.390  5.702  3.876  1.00 0.00 ? 1  BLM A ND   1 
HETATM 9   C  C5   . BLM A 1 . ? 4.103  4.558  1.779  1.00 0.00 ? 1  BLM A C5   1 
HETATM 10  C  C4   . BLM A 1 . ? 4.663  5.687  2.586  1.00 0.00 ? 1  BLM A C4   1 
HETATM 11  O  O4   . BLM A 1 . ? 5.300  6.584  2.069  1.00 0.00 ? 1  BLM A O4   1 
HETATM 12  C  C8   . BLM A 1 . ? 0.858  1.308  1.969  1.00 0.00 ? 1  BLM A C8   1 
HETATM 13  C  C9   . BLM A 1 . ? 1.034  0.818  0.723  1.00 0.00 ? 1  BLM A C9   1 
HETATM 14  C  C10  . BLM A 1 . ? 2.336  1.088  0.039  1.00 0.00 ? 1  BLM A C10  1 
HETATM 15  N  NG   . BLM A 1 . ? 3.254  1.686  0.713  1.00 0.00 ? 1  BLM A NG   1 
HETATM 16  C  C7   . BLM A 1 . ? 2.966  2.284  2.001  1.00 0.00 ? 1  BLM A C7   1 
HETATM 17  N  NE   . BLM A 1 . ? 1.862  2.118  2.627  1.00 0.00 ? 1  BLM A NE   1 
HETATM 18  C  C6   . BLM A 1 . ? 4.139  3.155  2.422  1.00 0.00 ? 1  BLM A C6   1 
HETATM 19  N  NF   . BLM A 1 . ? -0.275 1.124  2.774  1.00 0.00 ? 1  BLM A NF   1 
HETATM 20  C  CA   . BLM A 1 . ? 0.000  0.000  0.000  1.00 0.00 ? 1  BLM A CA   1 
HETATM 21  C  C12  . BLM A 1 . ? 2.563  0.702  -1.391 1.00 0.00 ? 1  BLM A C12  1 
HETATM 22  O  O12  . BLM A 1 . ? 2.188  -0.336 -1.923 1.00 0.00 ? 1  BLM A O12  1 
HETATM 23  N  NH   . BLM A 1 . ? 3.295  1.631  -2.021 1.00 0.00 ? 1  BLM A NH   1 
HETATM 24  C  C13  . BLM A 1 . ? 3.820  1.649  -3.397 1.00 0.00 ? 1  BLM A C13  1 
HETATM 25  C  C30  . BLM A 1 . ? 4.377  0.485  -4.162 1.00 0.00 ? 1  BLM A C30  1 
HETATM 26  O  O30  . BLM A 1 . ? 4.127  0.300  -5.345 1.00 0.00 ? 1  BLM A O30  1 
HETATM 27  C  C14  . BLM A 1 . ? 4.741  2.871  -3.490 1.00 0.00 ? 1  BLM A C14  1 
HETATM 28  C  C27  . BLM A 1 . ? 5.855  2.999  -2.476 1.00 0.00 ? 1  BLM A C27  1 
HETATM 29  O  OH1  . BLM A 1 . ? 4.083  4.120  -3.573 1.00 0.00 ? 1  BLM A OH1  1 
HETATM 30  N  NJ   . BLM A 1 . ? 6.163  2.802  -1.060 1.00 0.00 ? 1  BLM A NJ   1 
HETATM 31  C  C28  . BLM A 1 . ? 6.911  3.597  -2.961 1.00 0.00 ? 1  BLM A C28  1 
HETATM 32  C  C29  . BLM A 1 . ? 7.240  3.464  -0.829 1.00 0.00 ? 1  BLM A C29  1 
HETATM 33  N  NI   . BLM A 1 . ? 7.819  3.919  -1.988 1.00 0.00 ? 1  BLM A NI   1 
HETATM 34  N  NK   . BLM A 1 . ? 5.214  -0.211 -3.423 1.00 0.00 ? 1  BLM A NK   1 
HETATM 35  C  C34  . BLM A 1 . ? 8.019  -0.428 -2.214 1.00 0.00 ? 1  BLM A C34  1 
HETATM 36  C  C36  . BLM A 1 . ? 8.727  -0.901 -0.966 1.00 0.00 ? 1  BLM A C36  1 
HETATM 37  O  O36  . BLM A 1 . ? 8.105  -1.409 -0.037 1.00 0.00 ? 1  BLM A O36  1 
HETATM 38  O  OH2  . BLM A 1 . ? 7.916  -2.705 -3.012 1.00 0.00 ? 1  BLM A OH2  1 
HETATM 39  C  C31  . BLM A 1 . ? 6.205  -1.175 -3.936 1.00 0.00 ? 1  BLM A C31  1 
HETATM 40  C  CB   . BLM A 1 . ? 5.570  -2.364 -4.682 1.00 0.00 ? 1  BLM A CB   1 
HETATM 41  C  C33  . BLM A 1 . ? 7.112  -1.562 -2.749 1.00 0.00 ? 1  BLM A C33  1 
HETATM 42  C  CC   . BLM A 1 . ? 8.833  0.270  -3.325 1.00 0.00 ? 1  BLM A CC   1 
HETATM 43  N  NL   . BLM A 1 . ? 10.153 -0.689 -0.898 1.00 0.00 ? 1  BLM A NL   1 
HETATM 44  C  C37  . BLM A 1 . ? 10.676 0.269  0.110  1.00 0.00 ? 1  BLM A C37  1 
HETATM 45  C  C40  . BLM A 1 . ? 9.974  0.316  1.454  1.00 0.00 ? 1  BLM A C40  1 
HETATM 46  O  O40  . BLM A 1 . ? 9.045  1.078  1.679  1.00 0.00 ? 1  BLM A O40  1 
HETATM 47  C  C38  . BLM A 1 . ? 10.750 1.640  -0.572 1.00 0.00 ? 1  BLM A C38  1 
HETATM 48  O  OH3  . BLM A 1 . ? 11.514 1.534  -1.766 1.00 0.00 ? 1  BLM A OH3  1 
HETATM 49  C  CD   . BLM A 1 . ? 11.400 2.682  0.324  1.00 0.00 ? 1  BLM A CD   1 
HETATM 50  N  NM   . BLM A 1 . ? 10.427 -0.527 2.367  1.00 0.00 ? 1  BLM A NM   1 
HETATM 51  O  O59  . BLM A 1 . ? 5.314  7.989  -6.083 1.00 0.00 ? 1  BLM A O59  1 
HETATM 52  O  O58  . BLM A 1 . ? 4.204  7.256  -2.688 1.00 0.00 ? 1  BLM A O58  1 
HETATM 53  C  C61  . BLM A 1 . ? 7.670  6.170  -5.243 1.00 0.00 ? 1  BLM A C61  1 
HETATM 54  O  O61  . BLM A 1 . ? 8.264  7.467  -5.256 1.00 0.00 ? 1  BLM A O61  1 
HETATM 55  O  O56  . BLM A 1 . ? 2.271  5.894  -3.894 1.00 0.00 ? 1  BLM A O56  1 
HETATM 56  C  C60  . BLM A 1 . ? 6.240  6.138  -4.670 1.00 0.00 ? 1  BLM A C60  1 
HETATM 57  O  O62  . BLM A 1 . ? 5.546  5.049  -5.255 1.00 0.00 ? 1  BLM A O62  1 
HETATM 58  C  C63  . BLM A 1 . ? 4.210  4.865  -4.812 1.00 0.00 ? 1  BLM A C63  1 
HETATM 59  C  C57  . BLM A 1 . ? 3.373  6.136  -4.731 1.00 0.00 ? 1  BLM A C57  1 
HETATM 60  C  C58  . BLM A 1 . ? 4.063  7.322  -4.113 1.00 0.00 ? 1  BLM A C58  1 
HETATM 61  C  C59  . BLM A 1 . ? 5.406  7.412  -4.787 1.00 0.00 ? 1  BLM A C59  1 
HETATM 62  C  C69  . BLM A 1 . ? 0.156  5.271  -3.369 1.00 0.00 ? 1  BLM A C69  1 
HETATM 63  C  C68  . BLM A 1 . ? 0.671  3.846  -3.013 1.00 0.00 ? 1  BLM A C68  1 
HETATM 64  C  C67  . BLM A 1 . ? 0.408  2.966  -4.258 1.00 0.00 ? 1  BLM A C67  1 
HETATM 65  C  C65  . BLM A 1 . ? 1.325  3.524  -5.355 1.00 0.00 ? 1  BLM A C65  1 
HETATM 66  O  O64  . BLM A 1 . ? 1.070  4.914  -5.652 1.00 0.00 ? 1  BLM A O64  1 
HETATM 67  C  C64  . BLM A 1 . ? 1.028  5.802  -4.515 1.00 0.00 ? 1  BLM A C64  1 
HETATM 68  O  O68  . BLM A 1 . ? -0.006 3.333  -1.821 1.00 0.00 ? 1  BLM A O68  1 
HETATM 69  O  O67  . BLM A 1 . ? 0.686  1.592  -3.990 1.00 0.00 ? 1  BLM A O67  1 
HETATM 70  O  O69  . BLM A 1 . ? -1.229 5.259  -3.699 1.00 0.00 ? 1  BLM A O69  1 
HETATM 71  N  NQ   . BLM A 1 . ? -0.494 3.590  0.320  1.00 0.00 ? 1  BLM A NQ   1 
HETATM 72  C  C70  . BLM A 1 . ? 0.340  3.864  -0.653 1.00 0.00 ? 1  BLM A C70  1 
HETATM 73  O  O70  . BLM A 1 . ? 1.347  4.537  -0.485 1.00 0.00 ? 1  BLM A O70  1 
HETATM 74  O  O66  . BLM A 1 . ? 0.834  2.838  -7.701 1.00 0.00 ? 1  BLM A O66  1 
HETATM 75  C  C66  . BLM A 1 . ? 1.685  2.656  -6.574 1.00 0.00 ? 1  BLM A C66  1 
HETATM 76  H  HA2  . BLM A 1 . ? 4.678  -2.331 4.491  1.00 0.00 ? 1  BLM A HA2  1 
HETATM 77  H  HA1  . BLM A 1 . ? 5.585  -0.917 4.933  1.00 0.00 ? 1  BLM A HA1  1 
HETATM 78  H  H2   . BLM A 1 . ? 7.118  -0.103 3.184  1.00 0.00 ? 1  BLM A H2   1 
HETATM 79  H  HNC  . BLM A 1 . ? 6.186  2.913  2.289  1.00 0.00 ? 1  BLM A HNC  1 
HETATM 80  H  H3E  . BLM A 1 . ? 4.390  0.916  3.458  1.00 0.00 ? 1  BLM A H3E  1 
HETATM 81  H  H3X  . BLM A 1 . ? 5.906  1.568  4.117  1.00 0.00 ? 1  BLM A H3X  1 
HETATM 82  H  HB1  . BLM A 1 . ? 7.393  0.653  1.156  1.00 0.00 ? 1  BLM A HB1  1 
HETATM 83  H  HB2  . BLM A 1 . ? 6.523  -0.565 0.692  1.00 0.00 ? 1  BLM A HB2  1 
HETATM 84  H  HD2  . BLM A 1 . ? 4.686  6.498  4.398  1.00 0.00 ? 1  BLM A HD2  1 
HETATM 85  H  HD1  . BLM A 1 . ? 3.656  5.116  4.210  1.00 0.00 ? 1  BLM A HD1  1 
HETATM 86  H  H5E  . BLM A 1 . ? 3.051  4.832  1.581  1.00 0.00 ? 1  BLM A H5E  1 
HETATM 87  H  H5X  . BLM A 1 . ? 4.588  4.555  0.786  1.00 0.00 ? 1  BLM A H5X  1 
HETATM 88  H  H6   . BLM A 1 . ? 4.069  3.307  3.509  1.00 0.00 ? 1  BLM A H6   1 
HETATM 89  H  HF2  . BLM A 1 . ? -0.213 0.336  3.401  1.00 0.00 ? 1  BLM A HF2  1 
HETATM 90  H  HF1  . BLM A 1 . ? -0.576 1.962  3.253  1.00 0.00 ? 1  BLM A HF1  1 
HETATM 91  H  HAA  . BLM A 1 . ? -0.929 -0.116 0.586  1.00 0.00 ? 1  BLM A HAA  1 
HETATM 92  H  HAB  . BLM A 1 . ? -0.262 0.469  -0.965 1.00 0.00 ? 1  BLM A HAB  1 
HETATM 93  H  HAC  . BLM A 1 . ? 0.392  -1.012 -0.204 1.00 0.00 ? 1  BLM A HAC  1 
HETATM 94  H  H13  . BLM A 1 . ? 2.950  1.797  -4.002 1.00 0.00 ? 1  BLM A H13  1 
HETATM 95  H  H14  . BLM A 1 . ? 5.234  2.886  -4.482 1.00 0.00 ? 1  BLM A H14  1 
HETATM 96  H  H28  . BLM A 1 . ? 6.924  3.858  -3.998 1.00 0.00 ? 1  BLM A H28  1 
HETATM 97  H  H29  . BLM A 1 . ? 7.786  3.704  0.074  1.00 0.00 ? 1  BLM A H29  1 
HETATM 98  H  HNI  . BLM A 1 . ? 8.704  4.409  -2.082 1.00 0.00 ? 1  BLM A HNI  1 
HETATM 99  H  HNK  . BLM A 1 . ? 5.272  0.211  -2.528 1.00 0.00 ? 1  BLM A HNK  1 
HETATM 100 H  H34  . BLM A 1 . ? 7.385  0.381  -1.831 1.00 0.00 ? 1  BLM A H34  1 
HETATM 101 H  HO2  . BLM A 1 . ? 8.530  -2.473 -3.733 1.00 0.00 ? 1  BLM A HO2  1 
HETATM 102 H  H31  . BLM A 1 . ? 6.811  -0.664 -4.710 1.00 0.00 ? 1  BLM A H31  1 
HETATM 103 H  HBA  . BLM A 1 . ? 4.934  -2.977 -4.026 1.00 0.00 ? 1  BLM A HBA  1 
HETATM 104 H  HBB  . BLM A 1 . ? 6.355  -3.026 -5.096 1.00 0.00 ? 1  BLM A HBB  1 
HETATM 105 H  HBC  . BLM A 1 . ? 4.950  -2.022 -5.531 1.00 0.00 ? 1  BLM A HBC  1 
HETATM 106 H  H33  . BLM A 1 . ? 6.425  -1.857 -1.927 1.00 0.00 ? 1  BLM A H33  1 
HETATM 107 H  HCB  . BLM A 1 . ? 9.464  1.082  -2.932 1.00 0.00 ? 1  BLM A HCB  1 
HETATM 108 H  HCC  . BLM A 1 . ? 9.468  -0.451 -3.864 1.00 0.00 ? 1  BLM A HCC  1 
HETATM 109 H  HCA  . BLM A 1 . ? 8.169  0.758  -4.063 1.00 0.00 ? 1  BLM A HCA  1 
HETATM 110 H  HNL  . BLM A 1 . ? 10.378 -0.211 -1.758 1.00 0.00 ? 1  BLM A HNL  1 
HETATM 111 H  H37  . BLM A 1 . ? 11.725 -0.020 0.313  1.00 0.00 ? 1  BLM A H37  1 
HETATM 112 H  H38  . BLM A 1 . ? 9.712  1.958  -0.845 1.00 0.00 ? 1  BLM A H38  1 
HETATM 113 H  HO3  . BLM A 1 . ? 12.450 1.419  -1.534 1.00 0.00 ? 1  BLM A HO3  1 
HETATM 114 H  HDB  . BLM A 1 . ? 12.328 2.262  0.748  1.00 0.00 ? 1  BLM A HDB  1 
HETATM 115 H  HDC  . BLM A 1 . ? 11.654 3.582  -0.261 1.00 0.00 ? 1  BLM A HDC  1 
HETATM 116 H  HDA  . BLM A 1 . ? 10.720 2.954  1.148  1.00 0.00 ? 1  BLM A HDA  1 
HETATM 117 H  HNM  . BLM A 1 . ? 11.244 -1.070 2.180  1.00 0.00 ? 1  BLM A HNM  1 
HETATM 118 H  HO59 . BLM A 1 . ? 6.149  7.795  -6.535 1.00 0.00 ? 1  BLM A HO59 1 
HETATM 119 H  HO58 . BLM A 1 . ? 3.353  6.925  -2.347 1.00 0.00 ? 1  BLM A HO58 1 
HETATM 120 H  H611 . BLM A 1 . ? 7.641  5.787  -6.284 1.00 0.00 ? 1  BLM A H611 1 
HETATM 121 H  H612 . BLM A 1 . ? 8.300  5.470  -4.645 1.00 0.00 ? 1  BLM A H612 1 
HETATM 122 H  HO61 . BLM A 1 . ? 8.971  7.467  -5.920 1.00 0.00 ? 1  BLM A HO61 1 
HETATM 123 H  H60  . BLM A 1 . ? 6.322  5.963  -3.578 1.00 0.00 ? 1  BLM A H60  1 
HETATM 124 H  H63  . BLM A 1 . ? 3.787  4.295  -5.656 1.00 0.00 ? 1  BLM A H63  1 
HETATM 125 H  H57  . BLM A 1 . ? 3.090  6.419  -5.765 1.00 0.00 ? 1  BLM A H57  1 
HETATM 126 H  H58  . BLM A 1 . ? 3.463  8.218  -4.367 1.00 0.00 ? 1  BLM A H58  1 
HETATM 127 H  H59  . BLM A 1 . ? 5.873  8.058  -4.081 1.00 0.00 ? 1  BLM A H59  1 
HETATM 128 H  H69  . BLM A 1 . ? 0.300  5.925  -2.485 1.00 0.00 ? 1  BLM A H69  1 
HETATM 129 H  H68  . BLM A 1 . ? 1.811  3.860  -2.848 1.00 0.00 ? 1  BLM A H68  1 
HETATM 130 H  H67  . BLM A 1 . ? -0.648 3.065  -4.592 1.00 0.00 ? 1  BLM A H67  1 
HETATM 131 H  H65  . BLM A 1 . ? 2.277  3.490  -4.829 1.00 0.00 ? 1  BLM A H65  1 
HETATM 132 H  H64  . BLM A 1 . ? 0.882  6.863  -4.816 1.00 0.00 ? 1  BLM A H64  1 
HETATM 133 H  HO67 . BLM A 1 . ? -0.016 1.298  -3.384 1.00 0.00 ? 1  BLM A HO67 1 
HETATM 134 H  HO69 . BLM A 1 . ? -1.603 6.140  -3.545 1.00 0.00 ? 1  BLM A HO69 1 
HETATM 135 H  HNQ1 . BLM A 1 . ? -1.333 3.107  0.097  1.00 0.00 ? 1  BLM A HNQ1 1 
HETATM 136 H  HNQ2 . BLM A 1 . ? -0.283 3.944  1.222  1.00 0.00 ? 1  BLM A HNQ2 1 
HETATM 137 H  HO66 . BLM A 1 . ? -0.080 2.696  -7.416 1.00 0.00 ? 1  BLM A HO66 1 
HETATM 138 H  H661 . BLM A 1 . ? 1.670  1.585  -6.296 1.00 0.00 ? 1  BLM A H661 1 
HETATM 139 H  H662 . BLM A 1 . ? 2.758  2.872  -6.828 1.00 0.00 ? 1  BLM A H662 1 
HETATM 140 CO CO   . CO  B 2 . ? 5.241  1.634  0.321  1.00 0.00 ? 10 CO  A CO   1 
# 
